data_2XDD
#
_entry.id   2XDD
#
_cell.length_a   182.850
_cell.length_b   118.130
_cell.length_c   41.900
_cell.angle_alpha   90.00
_cell.angle_beta   92.78
_cell.angle_gamma   90.00
#
_symmetry.space_group_name_H-M   'C 1 2 1'
#
loop_
_entity.id
_entity.type
_entity.pdbx_description
1 polymer TOXN
2 polymer TOXI
3 non-polymer 'ZINC ION'
4 water water
#
loop_
_entity_poly.entity_id
_entity_poly.type
_entity_poly.pdbx_seq_one_letter_code
_entity_poly.pdbx_strand_id
1 'polypeptide(L)'
;(MSE)KFYTISSKYIEYLKEFDDKVPNSEDPTYQNPKAFIGIVLEIQGHKYLAPLTSPKKWHNNVKESSLSCFKLHENGV
PENQLGLINLKF(MSE)IPIIEAEVSLLDLGN(MSE)PNTPYKR(MSE)LYKQLQFIRANSDKIASKSDTLRNLVLQGK
(MSE)QGTCNFSLLEEKYRDFGKEAEDTEEGE
;
A,B,E
2 'polyribonucleotide' AUUCAGGUGAUUUGCUACCUUUAAGUGCAGCUAGA(A23) F,G,H
#
loop_
_chem_comp.id
_chem_comp.type
_chem_comp.name
_chem_comp.formula
A RNA linking ADENOSINE-5'-MONOPHOSPHATE 'C10 H14 N5 O7 P'
A23 RNA linking 'ADENOSINE-5'-PHOSPHATE-2',3'-CYCLIC PHOSPHATE' 'C10 H13 N5 O9 P2'
C RNA linking CYTIDINE-5'-MONOPHOSPHATE 'C9 H14 N3 O8 P'
G RNA linking GUANOSINE-5'-MONOPHOSPHATE 'C10 H14 N5 O8 P'
U RNA linking URIDINE-5'-MONOPHOSPHATE 'C9 H13 N2 O9 P'
ZN non-polymer 'ZINC ION' 'Zn 2'
#
# COMPACT_ATOMS: atom_id res chain seq x y z
N MSE A 1 21.50 11.40 3.27
CA MSE A 1 22.69 11.07 4.01
C MSE A 1 23.92 11.19 3.12
O MSE A 1 23.78 11.27 1.91
CB MSE A 1 22.56 9.68 4.58
CG MSE A 1 21.24 9.46 5.32
SE MSE A 1 21.19 7.84 6.45
CE MSE A 1 22.96 8.09 7.27
N LYS A 2 25.11 11.20 3.71
CA LYS A 2 26.32 11.44 2.91
C LYS A 2 27.59 10.71 3.38
N PHE A 3 28.67 10.84 2.63
CA PHE A 3 29.92 10.21 3.03
C PHE A 3 30.87 11.16 3.78
N TYR A 4 31.38 10.71 4.94
CA TYR A 4 32.33 11.45 5.75
C TYR A 4 33.58 10.66 6.07
N THR A 5 34.64 11.40 6.40
CA THR A 5 35.78 10.85 7.13
C THR A 5 35.85 11.48 8.53
N ILE A 6 36.64 10.91 9.43
CA ILE A 6 36.73 11.47 10.78
C ILE A 6 38.19 11.59 11.17
N SER A 7 38.56 12.71 11.81
CA SER A 7 39.94 12.96 12.18
C SER A 7 40.48 11.79 12.99
N SER A 8 41.78 11.54 12.85
CA SER A 8 42.40 10.40 13.48
C SER A 8 42.52 10.66 14.97
N LYS A 9 42.78 11.91 15.31
CA LYS A 9 42.83 12.34 16.69
C LYS A 9 41.56 11.93 17.39
N TYR A 10 40.43 12.39 16.86
CA TYR A 10 39.14 12.16 17.48
C TYR A 10 38.78 10.70 17.55
N ILE A 11 39.34 9.91 16.66
CA ILE A 11 39.08 8.48 16.65
C ILE A 11 39.93 7.78 17.70
N GLU A 12 41.14 8.27 17.93
CA GLU A 12 42.00 7.76 18.99
C GLU A 12 41.35 8.09 20.32
N TYR A 13 40.85 9.31 20.43
CA TYR A 13 40.23 9.77 21.65
C TYR A 13 39.08 8.88 22.08
N LEU A 14 38.12 8.64 21.20
CA LEU A 14 37.04 7.74 21.57
C LEU A 14 37.58 6.36 21.92
N LYS A 15 38.68 5.95 21.28
CA LYS A 15 39.30 4.64 21.52
C LYS A 15 39.89 4.51 22.92
N GLU A 16 40.11 5.65 23.57
CA GLU A 16 40.54 5.63 24.97
C GLU A 16 39.43 5.03 25.82
N PHE A 17 38.18 5.21 25.37
CA PHE A 17 37.01 4.81 26.15
C PHE A 17 36.33 3.55 25.62
N ASP A 18 36.59 3.21 24.38
CA ASP A 18 35.93 2.06 23.78
C ASP A 18 36.71 1.56 22.58
N ASP A 19 37.40 0.44 22.77
CA ASP A 19 38.20 -0.17 21.73
C ASP A 19 37.33 -0.62 20.57
N LYS A 20 36.04 -0.72 20.82
CA LYS A 20 35.10 -1.11 19.77
C LYS A 20 35.00 -0.04 18.68
N VAL A 21 35.27 1.21 19.05
CA VAL A 21 35.29 2.31 18.10
C VAL A 21 36.12 1.95 16.86
N PRO A 22 35.53 2.12 15.67
CA PRO A 22 36.16 1.65 14.42
C PRO A 22 37.53 2.23 14.17
N ASN A 23 38.43 1.38 13.71
CA ASN A 23 39.76 1.81 13.26
C ASN A 23 39.70 2.85 12.15
N SER A 24 40.47 3.91 12.30
CA SER A 24 40.46 5.01 11.32
C SER A 24 41.53 4.80 10.26
N GLU A 25 42.69 4.33 10.67
CA GLU A 25 43.79 4.18 9.73
C GLU A 25 44.45 2.81 9.77
N ASP A 26 44.71 2.28 8.58
CA ASP A 26 45.31 0.97 8.43
C ASP A 26 46.17 0.96 7.16
N PRO A 27 47.40 0.41 7.26
CA PRO A 27 48.34 0.19 6.14
C PRO A 27 47.69 -0.44 4.90
N THR A 28 46.72 -1.31 5.10
CA THR A 28 46.06 -2.00 4.00
C THR A 28 44.85 -1.25 3.44
N TYR A 29 44.60 -0.04 3.95
CA TYR A 29 43.45 0.76 3.50
C TYR A 29 43.77 1.58 2.26
N GLN A 30 43.22 1.20 1.11
CA GLN A 30 43.42 2.00 -0.11
C GLN A 30 42.93 3.42 0.10
N ASN A 31 41.63 3.62 0.13
CA ASN A 31 41.08 4.91 0.50
C ASN A 31 40.93 4.98 2.02
N PRO A 32 40.64 6.18 2.56
CA PRO A 32 40.38 6.38 3.98
C PRO A 32 39.09 5.70 4.38
N LYS A 33 38.93 5.34 5.65
CA LYS A 33 37.70 4.73 6.12
C LYS A 33 36.58 5.75 6.02
N ALA A 34 35.43 5.36 5.48
CA ALA A 34 34.34 6.30 5.26
C ALA A 34 33.13 6.04 6.14
N PHE A 35 32.40 7.10 6.49
CA PHE A 35 31.26 6.94 7.40
C PHE A 35 29.98 7.47 6.77
N ILE A 36 28.84 6.91 7.16
CA ILE A 36 27.58 7.39 6.60
C ILE A 36 26.92 8.51 7.46
N GLY A 37 26.23 9.45 6.78
CA GLY A 37 25.98 10.80 7.26
C GLY A 37 24.73 11.13 8.06
N ILE A 38 24.85 11.03 9.37
CA ILE A 38 23.79 11.17 10.37
C ILE A 38 22.72 10.09 10.20
N VAL A 39 23.11 8.89 10.57
CA VAL A 39 22.23 7.74 10.62
C VAL A 39 21.20 7.96 11.73
N LEU A 40 21.58 8.76 12.70
CA LEU A 40 20.78 8.92 13.89
C LEU A 40 21.04 10.27 14.52
N GLU A 41 19.97 11.02 14.76
CA GLU A 41 20.06 12.28 15.47
C GLU A 41 19.05 12.28 16.63
N ILE A 42 19.56 12.32 17.84
CA ILE A 42 18.72 12.18 19.02
C ILE A 42 19.39 12.80 20.26
N GLN A 43 18.57 13.37 21.14
CA GLN A 43 19.11 14.14 22.27
C GLN A 43 20.33 14.94 21.85
N GLY A 44 20.28 15.55 20.67
CA GLY A 44 21.36 16.39 20.21
C GLY A 44 22.64 15.63 19.90
N HIS A 45 22.50 14.35 19.66
CA HIS A 45 23.63 13.56 19.28
C HIS A 45 23.58 13.25 17.78
N LYS A 46 24.67 13.52 17.08
CA LYS A 46 24.79 13.16 15.68
C LYS A 46 25.65 11.91 15.50
N TYR A 47 25.03 10.85 15.01
CA TYR A 47 25.78 9.61 14.76
C TYR A 47 26.19 9.39 13.29
N LEU A 48 27.39 8.85 13.12
CA LEU A 48 27.88 8.45 11.83
C LEU A 48 28.24 6.99 11.99
N ALA A 49 27.89 6.17 10.98
CA ALA A 49 28.20 4.75 11.00
C ALA A 49 29.34 4.39 10.03
N PRO A 50 30.16 3.42 10.42
CA PRO A 50 31.25 2.99 9.54
C PRO A 50 30.78 2.15 8.34
N LEU A 51 31.32 2.44 7.17
CA LEU A 51 31.17 1.54 6.02
C LEU A 51 32.19 0.39 6.07
N THR A 52 31.82 -0.75 5.50
CA THR A 52 32.75 -1.86 5.48
C THR A 52 32.49 -2.82 4.34
N SER A 53 33.58 -3.14 3.64
CA SER A 53 33.54 -4.01 2.46
C SER A 53 33.35 -5.45 2.86
N PRO A 54 32.84 -6.26 1.93
CA PRO A 54 32.35 -7.61 2.19
C PRO A 54 33.36 -8.47 2.91
N LYS A 55 32.83 -9.19 3.89
CA LYS A 55 33.51 -10.27 4.58
C LYS A 55 32.69 -11.54 4.43
N LYS A 56 33.29 -12.65 4.78
CA LYS A 56 32.66 -13.95 4.62
C LYS A 56 31.37 -14.02 5.44
N TRP A 57 31.43 -13.53 6.68
CA TRP A 57 30.33 -13.70 7.63
C TRP A 57 29.11 -12.81 7.36
N HIS A 58 29.19 -11.94 6.35
CA HIS A 58 28.07 -11.08 6.01
C HIS A 58 26.93 -11.88 5.42
N ASN A 59 27.22 -13.11 5.04
CA ASN A 59 26.21 -14.01 4.49
C ASN A 59 25.22 -14.48 5.55
N ASN A 60 25.70 -14.59 6.78
CA ASN A 60 24.87 -15.04 7.90
C ASN A 60 24.03 -13.92 8.52
N VAL A 61 24.46 -12.68 8.32
CA VAL A 61 23.74 -11.51 8.82
C VAL A 61 22.43 -11.30 8.06
N LYS A 62 21.30 -11.58 8.72
CA LYS A 62 19.98 -11.46 8.08
C LYS A 62 19.49 -10.03 8.09
N GLU A 63 18.63 -9.69 7.13
CA GLU A 63 18.19 -8.31 6.95
C GLU A 63 17.61 -7.68 8.21
N SER A 64 16.86 -8.46 8.99
CA SER A 64 16.19 -7.95 10.19
C SER A 64 17.18 -7.44 11.25
N SER A 65 18.41 -7.95 11.21
CA SER A 65 19.43 -7.66 12.23
C SER A 65 19.68 -6.19 12.41
N LEU A 66 19.84 -5.79 13.66
CA LEU A 66 20.11 -4.40 13.98
C LEU A 66 21.59 -4.08 13.88
N SER A 67 22.44 -5.10 13.86
CA SER A 67 23.87 -4.88 13.79
C SER A 67 24.31 -4.09 12.56
N CYS A 68 23.78 -4.48 11.40
CA CYS A 68 24.24 -3.96 10.13
C CYS A 68 23.08 -3.63 9.22
N PHE A 69 23.29 -2.65 8.36
CA PHE A 69 22.43 -2.46 7.21
C PHE A 69 23.19 -2.88 5.96
N LYS A 70 22.76 -3.99 5.36
CA LYS A 70 23.42 -4.50 4.18
C LYS A 70 23.17 -3.62 2.96
N LEU A 71 24.25 -3.22 2.29
CA LEU A 71 24.18 -2.49 1.04
C LEU A 71 24.21 -3.42 -0.16
N HIS A 72 23.65 -2.94 -1.27
CA HIS A 72 23.81 -3.59 -2.57
C HIS A 72 23.15 -2.71 -3.61
N GLU A 73 23.55 -2.88 -4.87
CA GLU A 73 23.00 -2.04 -5.92
C GLU A 73 21.47 -2.05 -5.95
N ASN A 74 20.88 -0.92 -6.26
CA ASN A 74 19.42 -0.82 -6.40
C ASN A 74 18.79 -1.80 -7.38
N GLY A 75 17.99 -2.73 -6.87
CA GLY A 75 17.29 -3.71 -7.69
C GLY A 75 18.19 -4.84 -8.18
N VAL A 76 19.48 -4.76 -7.86
CA VAL A 76 20.43 -5.78 -8.26
C VAL A 76 21.08 -6.44 -7.03
N PRO A 77 20.32 -7.32 -6.36
CA PRO A 77 20.69 -7.93 -5.08
C PRO A 77 22.01 -8.66 -5.13
N GLU A 78 22.31 -9.32 -6.25
CA GLU A 78 23.50 -10.14 -6.33
C GLU A 78 24.76 -9.27 -6.32
N ASN A 79 24.56 -7.96 -6.47
CA ASN A 79 25.69 -7.02 -6.43
C ASN A 79 25.95 -6.48 -5.03
N GLN A 80 26.40 -7.35 -4.12
CA GLN A 80 26.61 -6.95 -2.72
C GLN A 80 27.59 -5.78 -2.65
N LEU A 81 27.30 -4.80 -1.80
CA LEU A 81 28.10 -3.56 -1.77
C LEU A 81 28.67 -3.29 -0.40
N GLY A 82 28.93 -4.33 0.37
CA GLY A 82 29.37 -4.18 1.74
C GLY A 82 28.18 -3.84 2.62
N LEU A 83 28.45 -3.46 3.88
CA LEU A 83 27.37 -3.04 4.77
C LEU A 83 27.74 -1.83 5.65
N ILE A 84 26.69 -1.21 6.20
CA ILE A 84 26.84 -0.18 7.21
C ILE A 84 26.91 -0.87 8.57
N ASN A 85 27.99 -0.63 9.30
CA ASN A 85 28.14 -1.24 10.61
C ASN A 85 27.57 -0.37 11.70
N LEU A 86 26.26 -0.46 11.94
CA LEU A 86 25.63 0.35 12.98
C LEU A 86 26.13 -0.04 14.35
N LYS A 87 26.40 -1.33 14.57
CA LYS A 87 26.82 -1.76 15.89
C LYS A 87 28.02 -0.94 16.33
N PHE A 88 28.67 -0.26 15.39
CA PHE A 88 29.85 0.55 15.72
C PHE A 88 29.70 2.03 15.38
N MSE A 89 28.47 2.51 15.17
CA MSE A 89 28.28 3.92 14.88
C MSE A 89 28.76 4.66 16.10
O MSE A 89 28.70 4.13 17.19
CB MSE A 89 26.84 4.22 14.63
CG MSE A 89 25.91 3.50 15.55
SE MSE A 89 24.11 4.29 15.57
CE MSE A 89 23.77 4.41 13.68
N ILE A 90 29.23 5.88 15.91
CA ILE A 90 29.76 6.69 17.01
C ILE A 90 29.17 8.09 16.92
N PRO A 91 29.13 8.83 18.05
CA PRO A 91 28.64 10.20 17.99
C PRO A 91 29.80 11.07 17.55
N ILE A 92 29.52 12.15 16.82
CA ILE A 92 30.60 12.95 16.26
C ILE A 92 30.48 14.41 16.64
N ILE A 93 31.54 15.13 16.32
CA ILE A 93 31.64 16.58 16.54
C ILE A 93 31.83 17.22 15.18
N GLU A 94 30.89 18.06 14.76
CA GLU A 94 30.93 18.59 13.41
C GLU A 94 32.34 18.97 12.96
N ALA A 95 33.13 19.42 13.93
CA ALA A 95 34.47 19.97 13.66
C ALA A 95 35.57 18.93 13.44
N GLU A 96 35.29 17.67 13.72
CA GLU A 96 36.28 16.62 13.52
C GLU A 96 35.76 15.68 12.46
N VAL A 97 34.66 16.06 11.83
CA VAL A 97 34.05 15.23 10.81
C VAL A 97 34.15 16.00 9.52
N SER A 98 34.40 15.30 8.43
CA SER A 98 34.59 15.97 7.14
C SER A 98 33.88 15.22 6.00
N LEU A 99 33.18 15.97 5.16
CA LEU A 99 32.49 15.41 3.99
C LEU A 99 33.45 15.04 2.87
N LEU A 100 33.27 13.87 2.26
CA LEU A 100 34.07 13.46 1.11
C LEU A 100 33.87 14.40 -0.06
N ASP A 101 34.96 14.86 -0.69
CA ASP A 101 34.89 15.74 -1.84
C ASP A 101 34.48 15.00 -3.12
N LEU A 102 33.24 14.51 -3.14
CA LEU A 102 32.75 13.71 -4.25
C LEU A 102 32.76 14.51 -5.53
N GLY A 103 32.61 15.82 -5.42
CA GLY A 103 32.54 16.66 -6.58
C GLY A 103 33.91 16.79 -7.20
N ASN A 104 34.94 16.35 -6.50
CA ASN A 104 36.30 16.48 -7.01
C ASN A 104 37.03 15.16 -7.13
N MSE A 105 36.34 14.07 -6.88
CA MSE A 105 36.99 12.78 -7.01
C MSE A 105 37.12 12.40 -8.46
O MSE A 105 36.16 12.53 -9.23
CB MSE A 105 36.19 11.71 -6.30
CG MSE A 105 36.33 11.77 -4.81
SE MSE A 105 35.88 10.06 -4.11
CE MSE A 105 37.04 8.98 -5.33
N PRO A 106 38.31 11.94 -8.84
CA PRO A 106 38.56 11.50 -10.21
C PRO A 106 37.69 10.29 -10.53
N ASN A 107 37.12 10.21 -11.73
CA ASN A 107 36.29 9.06 -12.06
C ASN A 107 37.05 7.74 -11.99
N THR A 108 36.84 7.01 -10.90
CA THR A 108 37.48 5.73 -10.67
C THR A 108 36.46 4.71 -10.22
N PRO A 109 36.80 3.42 -10.33
CA PRO A 109 35.93 2.34 -9.86
C PRO A 109 35.32 2.63 -8.48
N TYR A 110 36.13 3.19 -7.59
CA TYR A 110 35.71 3.50 -6.24
C TYR A 110 34.62 4.55 -6.23
N LYS A 111 34.94 5.71 -6.79
CA LYS A 111 33.97 6.79 -6.76
C LYS A 111 32.70 6.25 -7.38
N ARG A 112 32.89 5.35 -8.32
CA ARG A 112 31.77 4.81 -9.02
C ARG A 112 30.92 4.00 -8.05
N MSE A 113 31.56 3.16 -7.26
CA MSE A 113 30.82 2.34 -6.32
C MSE A 113 30.13 3.21 -5.27
O MSE A 113 29.02 2.94 -4.84
CB MSE A 113 31.72 1.32 -5.66
CG MSE A 113 31.32 1.02 -4.25
SE MSE A 113 32.41 -0.29 -3.37
CE MSE A 113 31.39 -1.84 -3.99
N LEU A 114 30.78 4.30 -4.91
CA LEU A 114 30.24 5.16 -3.87
C LEU A 114 28.85 5.66 -4.27
N TYR A 115 28.68 5.96 -5.56
CA TYR A 115 27.39 6.44 -6.05
C TYR A 115 26.36 5.31 -6.09
N LYS A 116 26.80 4.11 -6.46
CA LYS A 116 25.88 2.99 -6.40
C LYS A 116 25.34 2.93 -4.98
N GLN A 117 26.28 2.91 -4.03
CA GLN A 117 25.95 2.81 -2.63
C GLN A 117 25.04 3.95 -2.21
N LEU A 118 25.47 5.17 -2.51
CA LEU A 118 24.77 6.37 -2.10
C LEU A 118 23.28 6.29 -2.40
N GLN A 119 22.97 6.00 -3.65
CA GLN A 119 21.58 5.94 -4.07
C GLN A 119 20.80 4.91 -3.28
N PHE A 120 21.36 3.72 -3.09
CA PHE A 120 20.66 2.69 -2.31
C PHE A 120 20.43 3.15 -0.87
N ILE A 121 21.42 3.83 -0.32
CA ILE A 121 21.30 4.47 0.98
C ILE A 121 20.25 5.59 0.97
N ARG A 122 20.27 6.42 -0.07
CA ARG A 122 19.27 7.48 -0.15
C ARG A 122 17.87 6.94 -0.17
N ALA A 123 17.65 5.84 -0.86
CA ALA A 123 16.30 5.32 -0.98
C ALA A 123 15.94 4.46 0.22
N ASN A 124 16.87 4.34 1.17
CA ASN A 124 16.58 3.56 2.37
C ASN A 124 16.86 4.33 3.65
N SER A 125 17.05 5.65 3.53
CA SER A 125 17.31 6.51 4.67
C SER A 125 16.55 6.02 5.89
N ASP A 126 15.24 5.89 5.74
CA ASP A 126 14.36 5.59 6.88
C ASP A 126 14.71 4.30 7.57
N LYS A 127 14.69 3.19 6.82
CA LYS A 127 15.09 1.92 7.42
C LYS A 127 16.39 2.12 8.21
N ILE A 128 17.33 2.84 7.63
CA ILE A 128 18.59 3.04 8.31
C ILE A 128 18.37 3.78 9.63
N ALA A 129 17.79 4.97 9.58
CA ALA A 129 17.56 5.77 10.78
C ALA A 129 16.76 4.98 11.80
N SER A 130 15.77 4.25 11.29
CA SER A 130 14.91 3.41 12.11
C SER A 130 15.73 2.35 12.84
N LYS A 131 16.64 1.72 12.12
CA LYS A 131 17.45 0.64 12.66
C LYS A 131 18.38 1.19 13.74
N SER A 132 18.95 2.34 13.45
CA SER A 132 19.93 2.97 14.32
C SER A 132 19.28 3.32 15.63
N ASP A 133 18.12 3.97 15.52
CA ASP A 133 17.31 4.33 16.69
C ASP A 133 17.09 3.13 17.62
N THR A 134 16.48 2.09 17.07
CA THR A 134 16.21 0.89 17.83
C THR A 134 17.48 0.25 18.38
N LEU A 135 18.55 0.21 17.58
CA LEU A 135 19.81 -0.40 18.03
C LEU A 135 20.29 0.26 19.30
N ARG A 136 20.28 1.59 19.32
CA ARG A 136 20.67 2.35 20.50
C ARG A 136 19.80 2.08 21.72
N ASN A 137 18.49 2.25 21.56
CA ASN A 137 17.55 1.97 22.64
C ASN A 137 17.89 0.65 23.28
N LEU A 138 17.98 -0.39 22.46
CA LEU A 138 18.27 -1.72 22.96
C LEU A 138 19.60 -1.72 23.68
N VAL A 139 20.62 -1.24 22.97
CA VAL A 139 21.96 -1.16 23.55
C VAL A 139 21.94 -0.48 24.90
N LEU A 140 21.28 0.67 24.98
CA LEU A 140 21.13 1.42 26.25
C LEU A 140 20.39 0.62 27.28
N GLN A 141 19.29 -0.01 26.87
CA GLN A 141 18.47 -0.81 27.77
C GLN A 141 19.23 -1.98 28.39
N GLY A 142 20.37 -2.34 27.79
CA GLY A 142 21.16 -3.44 28.28
C GLY A 142 20.66 -4.76 27.71
N LYS A 143 20.00 -4.68 26.56
CA LYS A 143 19.47 -5.87 25.90
C LYS A 143 20.33 -6.30 24.70
N MSE A 144 21.40 -5.55 24.47
CA MSE A 144 22.31 -5.86 23.37
C MSE A 144 23.75 -5.60 23.74
O MSE A 144 24.08 -4.57 24.32
CB MSE A 144 21.96 -5.07 22.12
CG MSE A 144 20.85 -5.69 21.30
SE MSE A 144 21.20 -5.44 19.41
CE MSE A 144 22.88 -6.44 19.27
N GLN A 145 24.61 -6.53 23.36
CA GLN A 145 26.03 -6.49 23.72
C GLN A 145 26.93 -6.54 22.48
N GLY A 146 28.20 -6.22 22.69
CA GLY A 146 29.17 -6.33 21.61
C GLY A 146 29.12 -5.19 20.60
N THR A 147 28.39 -4.14 20.96
CA THR A 147 28.32 -2.94 20.14
C THR A 147 29.27 -1.91 20.73
N CYS A 148 29.25 -0.72 20.14
CA CYS A 148 29.98 0.38 20.68
C CYS A 148 29.26 0.77 21.93
N ASN A 149 29.96 1.43 22.85
CA ASN A 149 29.36 1.85 24.11
C ASN A 149 28.68 3.21 24.00
N PHE A 150 27.48 3.21 23.43
CA PHE A 150 26.76 4.43 23.19
C PHE A 150 26.72 5.27 24.45
N SER A 151 26.21 4.69 25.53
CA SER A 151 26.04 5.44 26.76
C SER A 151 27.31 6.14 27.18
N LEU A 152 28.40 5.39 27.24
CA LEU A 152 29.72 5.92 27.63
C LEU A 152 30.27 6.88 26.58
N LEU A 153 30.16 6.52 25.29
CA LEU A 153 30.66 7.39 24.24
C LEU A 153 29.95 8.73 24.27
N GLU A 154 28.63 8.66 24.40
CA GLU A 154 27.83 9.90 24.45
C GLU A 154 28.27 10.79 25.60
N GLU A 155 28.62 10.17 26.72
CA GLU A 155 29.05 10.94 27.88
C GLU A 155 30.39 11.64 27.63
N LYS A 156 31.35 10.92 27.06
CA LYS A 156 32.73 11.40 27.01
C LYS A 156 33.08 12.20 25.77
N TYR A 157 32.36 12.00 24.68
CA TYR A 157 32.87 12.47 23.39
C TYR A 157 33.10 13.98 23.25
N ARG A 158 32.21 14.79 23.83
CA ARG A 158 32.34 16.25 23.71
C ARG A 158 33.53 16.80 24.48
N ASP A 159 34.00 16.04 25.46
CA ASP A 159 35.18 16.42 26.22
C ASP A 159 36.43 16.15 25.39
N PHE A 160 36.27 16.11 24.07
CA PHE A 160 37.40 15.82 23.18
C PHE A 160 38.50 16.88 23.23
N GLY A 161 38.12 18.14 23.03
CA GLY A 161 39.10 19.22 23.02
C GLY A 161 39.79 19.58 24.33
N LYS A 162 39.84 18.66 25.28
CA LYS A 162 40.46 18.93 26.57
C LYS A 162 41.36 17.79 27.01
N MSE B 1 -16.55 10.04 -14.86
CA MSE B 1 -16.50 10.93 -16.01
C MSE B 1 -17.18 10.28 -17.19
O MSE B 1 -17.45 9.08 -17.16
CB MSE B 1 -15.05 11.28 -16.33
CG MSE B 1 -14.30 11.75 -15.09
SE MSE B 1 -12.57 12.62 -15.45
CE MSE B 1 -13.20 13.72 -16.95
N LYS B 2 -17.48 11.05 -18.22
CA LYS B 2 -18.27 10.54 -19.34
C LYS B 2 -17.92 11.14 -20.71
N PHE B 3 -18.52 10.59 -21.78
CA PHE B 3 -18.26 11.09 -23.12
C PHE B 3 -19.29 12.13 -23.60
N TYR B 4 -18.80 13.26 -24.07
CA TYR B 4 -19.67 14.33 -24.59
C TYR B 4 -19.33 14.75 -26.01
N THR B 5 -20.28 15.39 -26.66
CA THR B 5 -20.02 16.19 -27.87
C THR B 5 -20.39 17.60 -27.55
N ILE B 6 -19.93 18.54 -28.38
CA ILE B 6 -20.22 19.96 -28.16
C ILE B 6 -20.79 20.60 -29.43
N SER B 7 -21.83 21.43 -29.29
CA SER B 7 -22.44 22.08 -30.44
C SER B 7 -21.37 22.78 -31.28
N SER B 8 -21.60 22.83 -32.59
CA SER B 8 -20.62 23.40 -33.50
C SER B 8 -20.61 24.90 -33.36
N LYS B 9 -21.77 25.46 -33.11
CA LYS B 9 -21.94 26.88 -32.85
C LYS B 9 -20.99 27.29 -31.74
N TYR B 10 -21.16 26.64 -30.59
CA TYR B 10 -20.40 26.98 -29.40
C TYR B 10 -18.91 26.79 -29.61
N ILE B 11 -18.55 25.87 -30.48
CA ILE B 11 -17.14 25.65 -30.76
C ILE B 11 -16.58 26.72 -31.68
N GLU B 12 -17.40 27.22 -32.60
CA GLU B 12 -17.00 28.32 -33.47
C GLU B 12 -16.83 29.55 -32.61
N TYR B 13 -17.76 29.74 -31.69
CA TYR B 13 -17.75 30.91 -30.85
C TYR B 13 -16.43 30.99 -30.07
N LEU B 14 -16.07 29.93 -29.36
CA LEU B 14 -14.80 29.95 -28.64
C LEU B 14 -13.64 30.19 -29.61
N LYS B 15 -13.79 29.74 -30.84
CA LYS B 15 -12.75 29.88 -31.84
C LYS B 15 -12.56 31.34 -32.26
N GLU B 16 -13.54 32.17 -31.98
CA GLU B 16 -13.39 33.59 -32.24
C GLU B 16 -12.28 34.14 -31.35
N PHE B 17 -12.11 33.50 -30.19
CA PHE B 17 -11.23 34.02 -29.15
C PHE B 17 -9.95 33.23 -29.02
N ASP B 18 -9.95 32.01 -29.52
CA ASP B 18 -8.79 31.14 -29.38
C ASP B 18 -8.81 30.03 -30.42
N ASP B 19 -7.99 30.19 -31.45
CA ASP B 19 -7.90 29.21 -32.53
C ASP B 19 -7.41 27.87 -31.99
N LYS B 20 -6.81 27.88 -30.80
CA LYS B 20 -6.34 26.66 -30.18
C LYS B 20 -7.52 25.74 -29.87
N VAL B 21 -8.68 26.33 -29.62
CA VAL B 21 -9.88 25.56 -29.33
C VAL B 21 -10.07 24.45 -30.35
N PRO B 22 -10.30 23.22 -29.87
CA PRO B 22 -10.29 22.03 -30.73
C PRO B 22 -11.34 22.07 -31.85
N ASN B 23 -10.94 21.63 -33.04
CA ASN B 23 -11.87 21.50 -34.16
C ASN B 23 -13.02 20.56 -33.82
N SER B 24 -14.24 20.99 -34.13
CA SER B 24 -15.42 20.18 -33.84
C SER B 24 -15.77 19.30 -35.02
N GLU B 25 -15.68 19.84 -36.23
CA GLU B 25 -16.07 19.08 -37.41
C GLU B 25 -15.01 19.02 -38.50
N ASP B 26 -14.86 17.83 -39.07
CA ASP B 26 -13.88 17.58 -40.11
C ASP B 26 -14.41 16.48 -41.06
N PRO B 27 -14.33 16.72 -42.38
CA PRO B 27 -14.67 15.76 -43.44
C PRO B 27 -14.11 14.36 -43.19
N THR B 28 -12.94 14.26 -42.55
CA THR B 28 -12.28 12.98 -42.35
C THR B 28 -12.66 12.34 -41.02
N TYR B 29 -13.60 12.95 -40.30
CA TYR B 29 -14.05 12.44 -39.00
C TYR B 29 -15.17 11.42 -39.14
N GLN B 30 -14.84 10.16 -38.91
CA GLN B 30 -15.87 9.11 -38.92
C GLN B 30 -16.98 9.45 -37.92
N ASN B 31 -16.72 9.24 -36.65
CA ASN B 31 -17.65 9.70 -35.63
C ASN B 31 -17.39 11.18 -35.30
N PRO B 32 -18.30 11.80 -34.53
CA PRO B 32 -18.10 13.18 -34.06
C PRO B 32 -16.94 13.25 -33.07
N LYS B 33 -16.32 14.43 -32.94
CA LYS B 33 -15.26 14.60 -31.96
C LYS B 33 -15.85 14.48 -30.57
N ALA B 34 -15.21 13.68 -29.71
CA ALA B 34 -15.72 13.44 -28.37
C ALA B 34 -14.86 14.03 -27.23
N PHE B 35 -15.53 14.42 -26.16
CA PHE B 35 -14.84 15.06 -25.07
C PHE B 35 -15.07 14.30 -23.77
N ILE B 36 -14.10 14.37 -22.85
CA ILE B 36 -14.23 13.71 -21.57
C ILE B 36 -14.87 14.60 -20.46
N GLY B 37 -15.66 13.98 -19.58
CA GLY B 37 -16.71 14.63 -18.81
C GLY B 37 -16.42 15.23 -17.45
N ILE B 38 -16.10 16.52 -17.48
CA ILE B 38 -15.68 17.32 -16.32
C ILE B 38 -14.38 16.84 -15.72
N VAL B 39 -13.33 17.05 -16.50
CA VAL B 39 -11.97 16.80 -16.08
C VAL B 39 -11.60 17.73 -14.93
N LEU B 40 -12.27 18.87 -14.86
CA LEU B 40 -11.91 19.91 -13.90
C LEU B 40 -13.12 20.77 -13.59
N GLU B 41 -13.41 20.93 -12.30
CA GLU B 41 -14.46 21.84 -11.87
C GLU B 41 -13.90 22.79 -10.82
N ILE B 42 -13.87 24.08 -11.16
CA ILE B 42 -13.23 25.06 -10.30
C ILE B 42 -13.78 26.45 -10.58
N GLN B 43 -13.89 27.27 -9.53
CA GLN B 43 -14.55 28.56 -9.62
C GLN B 43 -15.79 28.49 -10.52
N GLY B 44 -16.56 27.42 -10.37
CA GLY B 44 -17.79 27.28 -11.12
C GLY B 44 -17.57 27.09 -12.61
N HIS B 45 -16.40 26.61 -12.97
CA HIS B 45 -16.12 26.34 -14.36
C HIS B 45 -16.12 24.85 -14.57
N LYS B 46 -16.86 24.39 -15.57
CA LYS B 46 -16.84 22.98 -15.89
C LYS B 46 -16.03 22.75 -17.17
N TYR B 47 -14.95 21.99 -17.07
CA TYR B 47 -14.11 21.74 -18.23
C TYR B 47 -14.36 20.38 -18.87
N LEU B 48 -14.28 20.33 -20.18
CA LEU B 48 -14.28 19.08 -20.93
C LEU B 48 -13.02 19.05 -21.78
N ALA B 49 -12.39 17.87 -21.86
CA ALA B 49 -11.15 17.75 -22.62
C ALA B 49 -11.40 16.97 -23.90
N PRO B 50 -10.70 17.33 -24.99
CA PRO B 50 -10.81 16.62 -26.27
C PRO B 50 -10.10 15.25 -26.24
N LEU B 51 -10.78 14.22 -26.77
CA LEU B 51 -10.11 12.95 -27.06
C LEU B 51 -9.39 13.02 -28.38
N THR B 52 -8.33 12.24 -28.53
CA THR B 52 -7.64 12.21 -29.81
C THR B 52 -6.89 10.92 -30.08
N SER B 53 -7.09 10.39 -31.27
CA SER B 53 -6.51 9.11 -31.64
C SER B 53 -5.02 9.23 -31.91
N PRO B 54 -4.31 8.10 -31.84
CA PRO B 54 -2.84 8.07 -31.85
C PRO B 54 -2.24 8.81 -33.01
N LYS B 55 -1.24 9.62 -32.67
CA LYS B 55 -0.34 10.24 -33.63
C LYS B 55 1.08 9.74 -33.35
N LYS B 56 1.98 10.03 -34.28
CA LYS B 56 3.36 9.59 -34.16
C LYS B 56 4.02 10.18 -32.92
N TRP B 57 3.78 11.47 -32.67
CA TRP B 57 4.47 12.18 -31.60
C TRP B 57 4.00 11.84 -30.19
N HIS B 58 3.00 10.97 -30.06
CA HIS B 58 2.52 10.59 -28.75
C HIS B 58 3.52 9.72 -28.04
N ASN B 59 4.50 9.22 -28.78
CA ASN B 59 5.54 8.38 -28.23
C ASN B 59 6.52 9.18 -27.38
N ASN B 60 6.67 10.46 -27.72
CA ASN B 60 7.58 11.35 -27.00
C ASN B 60 6.96 11.97 -25.75
N VAL B 61 5.64 12.05 -25.73
CA VAL B 61 4.91 12.56 -24.58
C VAL B 61 5.03 11.62 -23.37
N LYS B 62 5.77 12.04 -22.36
CA LYS B 62 5.97 11.22 -21.17
C LYS B 62 4.80 11.34 -20.19
N GLU B 63 4.63 10.32 -19.36
CA GLU B 63 3.49 10.24 -18.47
C GLU B 63 3.37 11.47 -17.57
N SER B 64 4.49 11.99 -17.09
CA SER B 64 4.46 13.13 -16.18
C SER B 64 3.86 14.40 -16.81
N SER B 65 3.86 14.46 -18.13
CA SER B 65 3.48 15.68 -18.85
C SER B 65 2.07 16.12 -18.51
N LEU B 66 1.88 17.43 -18.39
CA LEU B 66 0.58 17.98 -18.08
C LEU B 66 -0.23 18.15 -19.35
N SER B 67 0.43 18.10 -20.51
CA SER B 67 -0.25 18.34 -21.79
C SER B 67 -1.38 17.36 -22.04
N CYS B 68 -1.08 16.08 -21.80
CA CYS B 68 -1.96 14.99 -22.18
C CYS B 68 -2.07 13.97 -21.07
N PHE B 69 -3.21 13.31 -21.01
CA PHE B 69 -3.33 12.07 -20.27
C PHE B 69 -3.44 10.91 -21.26
N LYS B 70 -2.37 10.13 -21.36
CA LYS B 70 -2.32 9.01 -22.28
C LYS B 70 -3.29 7.88 -21.85
N LEU B 71 -4.12 7.46 -22.79
CA LEU B 71 -5.03 6.34 -22.58
C LEU B 71 -4.41 5.03 -23.05
N HIS B 72 -4.89 3.93 -22.48
CA HIS B 72 -4.60 2.59 -22.99
C HIS B 72 -5.38 1.59 -22.16
N GLU B 73 -5.60 0.40 -22.71
CA GLU B 73 -6.44 -0.60 -22.05
C GLU B 73 -5.92 -0.91 -20.65
N ASN B 74 -6.83 -1.19 -19.72
CA ASN B 74 -6.45 -1.51 -18.34
C ASN B 74 -5.52 -2.71 -18.23
N GLY B 75 -4.30 -2.46 -17.76
CA GLY B 75 -3.32 -3.52 -17.57
C GLY B 75 -2.67 -4.02 -18.84
N VAL B 76 -3.11 -3.48 -19.98
CA VAL B 76 -2.56 -3.85 -21.28
C VAL B 76 -1.93 -2.66 -22.00
N PRO B 77 -0.71 -2.29 -21.57
CA PRO B 77 -0.04 -1.03 -21.96
C PRO B 77 0.21 -0.95 -23.45
N GLU B 78 0.48 -2.08 -24.08
CA GLU B 78 0.82 -2.08 -25.49
C GLU B 78 -0.40 -1.75 -26.32
N ASN B 79 -1.58 -1.72 -25.68
CA ASN B 79 -2.82 -1.35 -26.36
C ASN B 79 -3.12 0.14 -26.25
N GLN B 80 -2.31 0.97 -26.90
CA GLN B 80 -2.47 2.42 -26.84
C GLN B 80 -3.87 2.81 -27.33
N LEU B 81 -4.51 3.72 -26.61
CA LEU B 81 -5.91 4.07 -26.88
C LEU B 81 -6.10 5.56 -27.16
N GLY B 82 -5.04 6.20 -27.66
CA GLY B 82 -5.04 7.64 -27.87
C GLY B 82 -4.82 8.33 -26.54
N LEU B 83 -5.04 9.64 -26.52
CA LEU B 83 -4.90 10.39 -25.28
C LEU B 83 -5.95 11.46 -25.09
N ILE B 84 -6.07 11.93 -23.86
CA ILE B 84 -6.87 13.12 -23.53
C ILE B 84 -6.02 14.38 -23.72
N ASN B 85 -6.46 15.30 -24.55
CA ASN B 85 -5.67 16.50 -24.77
C ASN B 85 -6.06 17.60 -23.80
N LEU B 86 -5.50 17.56 -22.59
CA LEU B 86 -5.79 18.60 -21.61
C LEU B 86 -5.32 19.97 -22.07
N LYS B 87 -4.20 20.02 -22.78
CA LYS B 87 -3.72 21.31 -23.20
C LYS B 87 -4.80 22.08 -23.96
N PHE B 88 -5.82 21.37 -24.42
CA PHE B 88 -6.91 22.02 -25.15
C PHE B 88 -8.28 21.90 -24.49
N MSE B 89 -8.35 21.49 -23.24
CA MSE B 89 -9.65 21.44 -22.60
C MSE B 89 -10.26 22.83 -22.65
O MSE B 89 -9.53 23.81 -22.70
CB MSE B 89 -9.51 21.01 -21.16
CG MSE B 89 -8.36 21.68 -20.48
SE MSE B 89 -8.48 21.55 -18.54
CE MSE B 89 -8.77 19.63 -18.38
N ILE B 90 -11.57 22.91 -22.65
CA ILE B 90 -12.29 24.19 -22.72
C ILE B 90 -13.39 24.21 -21.69
N PRO B 91 -13.83 25.41 -21.26
CA PRO B 91 -14.96 25.46 -20.33
C PRO B 91 -16.23 25.31 -21.16
N ILE B 92 -17.28 24.75 -20.58
CA ILE B 92 -18.50 24.49 -21.34
C ILE B 92 -19.73 25.06 -20.68
N ILE B 93 -20.81 25.07 -21.44
CA ILE B 93 -22.12 25.47 -20.98
C ILE B 93 -23.05 24.27 -21.07
N GLU B 94 -23.58 23.80 -19.94
CA GLU B 94 -24.34 22.55 -19.93
C GLU B 94 -25.25 22.42 -21.15
N ALA B 95 -25.73 23.56 -21.65
CA ALA B 95 -26.76 23.59 -22.68
C ALA B 95 -26.22 23.38 -24.10
N GLU B 96 -24.92 23.43 -24.25
CA GLU B 96 -24.31 23.27 -25.57
C GLU B 96 -23.47 22.02 -25.55
N VAL B 97 -23.57 21.31 -24.44
CA VAL B 97 -22.81 20.09 -24.26
C VAL B 97 -23.81 18.93 -24.24
N SER B 98 -23.45 17.82 -24.86
CA SER B 98 -24.37 16.69 -24.94
C SER B 98 -23.66 15.34 -24.71
N LEU B 99 -24.22 14.53 -23.83
CA LEU B 99 -23.68 13.21 -23.53
C LEU B 99 -23.90 12.22 -24.70
N LEU B 100 -22.89 11.41 -24.99
CA LEU B 100 -23.04 10.38 -26.01
C LEU B 100 -24.11 9.37 -25.61
N ASP B 101 -24.99 9.02 -26.54
CA ASP B 101 -26.00 7.98 -26.28
C ASP B 101 -25.40 6.56 -26.31
N LEU B 102 -24.55 6.26 -25.32
CA LEU B 102 -23.89 4.98 -25.26
C LEU B 102 -24.90 3.84 -25.15
N GLY B 103 -26.05 4.13 -24.57
CA GLY B 103 -27.01 3.08 -24.26
C GLY B 103 -27.72 2.69 -25.53
N ASN B 104 -27.51 3.49 -26.58
CA ASN B 104 -28.17 3.28 -27.85
C ASN B 104 -27.21 3.08 -29.01
N MSE B 105 -25.91 3.05 -28.74
CA MSE B 105 -24.97 2.82 -29.82
C MSE B 105 -24.97 1.37 -30.24
O MSE B 105 -24.92 0.48 -29.39
CB MSE B 105 -23.58 3.19 -29.38
CG MSE B 105 -23.31 4.66 -29.35
SE MSE B 105 -21.36 4.83 -29.45
CE MSE B 105 -21.15 3.89 -31.15
N PRO B 106 -25.03 1.13 -31.55
CA PRO B 106 -24.96 -0.23 -32.07
C PRO B 106 -23.60 -0.83 -31.73
N ASN B 107 -23.55 -2.10 -31.36
CA ASN B 107 -22.28 -2.73 -31.01
C ASN B 107 -21.30 -2.73 -32.17
N THR B 108 -20.35 -1.79 -32.10
CA THR B 108 -19.35 -1.61 -33.15
C THR B 108 -17.96 -1.53 -32.54
N PRO B 109 -16.93 -1.76 -33.36
CA PRO B 109 -15.56 -1.63 -32.88
C PRO B 109 -15.37 -0.35 -32.08
N TYR B 110 -15.96 0.74 -32.56
CA TYR B 110 -15.82 2.03 -31.90
C TYR B 110 -16.42 2.02 -30.51
N LYS B 111 -17.72 1.77 -30.43
CA LYS B 111 -18.37 1.75 -29.13
C LYS B 111 -17.61 0.81 -28.22
N ARG B 112 -17.05 -0.23 -28.83
CA ARG B 112 -16.27 -1.15 -28.05
C ARG B 112 -15.05 -0.44 -27.48
N MSE B 113 -14.32 0.30 -28.30
CA MSE B 113 -13.14 0.97 -27.79
C MSE B 113 -13.49 2.02 -26.74
O MSE B 113 -12.74 2.24 -25.80
CB MSE B 113 -12.37 1.62 -28.91
CG MSE B 113 -11.68 2.88 -28.49
SE MSE B 113 -10.60 3.69 -29.88
CE MSE B 113 -8.99 2.66 -29.58
N LEU B 114 -14.65 2.65 -26.90
CA LEU B 114 -15.07 3.67 -25.95
C LEU B 114 -15.14 3.11 -24.55
N TYR B 115 -15.63 1.88 -24.40
CA TYR B 115 -15.72 1.24 -23.08
C TYR B 115 -14.36 0.85 -22.53
N LYS B 116 -13.48 0.36 -23.39
CA LYS B 116 -12.11 0.13 -22.93
C LYS B 116 -11.60 1.43 -22.35
N GLN B 117 -11.72 2.50 -23.12
CA GLN B 117 -11.25 3.82 -22.71
C GLN B 117 -11.94 4.24 -21.43
N LEU B 118 -13.26 4.17 -21.43
CA LEU B 118 -14.06 4.63 -20.30
C LEU B 118 -13.53 4.06 -18.99
N GLN B 119 -13.38 2.74 -18.94
CA GLN B 119 -12.94 2.11 -17.72
C GLN B 119 -11.55 2.54 -17.26
N PHE B 120 -10.63 2.69 -18.18
CA PHE B 120 -9.31 3.18 -17.81
C PHE B 120 -9.41 4.62 -17.27
N ILE B 121 -10.25 5.42 -17.90
CA ILE B 121 -10.52 6.76 -17.43
C ILE B 121 -11.19 6.76 -16.04
N ARG B 122 -12.12 5.83 -15.84
CA ARG B 122 -12.84 5.77 -14.58
C ARG B 122 -11.88 5.46 -13.44
N ALA B 123 -10.93 4.57 -13.71
CA ALA B 123 -9.99 4.16 -12.67
C ALA B 123 -8.83 5.12 -12.54
N ASN B 124 -8.83 6.18 -13.33
CA ASN B 124 -7.80 7.21 -13.19
C ASN B 124 -8.36 8.62 -13.05
N SER B 125 -9.64 8.72 -12.68
CA SER B 125 -10.34 10.00 -12.55
C SER B 125 -9.43 11.02 -11.92
N ASP B 126 -8.88 10.65 -10.78
CA ASP B 126 -8.11 11.55 -9.95
C ASP B 126 -6.88 12.07 -10.66
N LYS B 127 -6.04 11.18 -11.18
CA LYS B 127 -4.86 11.63 -11.92
C LYS B 127 -5.29 12.63 -12.95
N ILE B 128 -6.39 12.36 -13.64
CA ILE B 128 -6.87 13.27 -14.65
C ILE B 128 -7.23 14.62 -14.03
N ALA B 129 -8.18 14.65 -13.11
CA ALA B 129 -8.56 15.90 -12.43
C ALA B 129 -7.36 16.64 -11.88
N SER B 130 -6.45 15.88 -11.28
CA SER B 130 -5.24 16.40 -10.67
C SER B 130 -4.37 17.08 -11.73
N LYS B 131 -4.24 16.42 -12.88
CA LYS B 131 -3.42 16.95 -13.96
C LYS B 131 -4.01 18.24 -14.50
N SER B 132 -5.33 18.24 -14.66
CA SER B 132 -6.08 19.35 -15.25
C SER B 132 -5.95 20.56 -14.37
N ASP B 133 -6.16 20.36 -13.08
CA ASP B 133 -6.01 21.40 -12.09
C ASP B 133 -4.66 22.09 -12.22
N THR B 134 -3.59 21.31 -12.08
CA THR B 134 -2.25 21.84 -12.19
C THR B 134 -1.95 22.53 -13.51
N LEU B 135 -2.40 21.93 -14.61
CA LEU B 135 -2.18 22.48 -15.95
C LEU B 135 -2.70 23.89 -16.01
N ARG B 136 -3.93 24.08 -15.51
CA ARG B 136 -4.58 25.39 -15.50
C ARG B 136 -3.81 26.37 -14.64
N ASN B 137 -3.50 26.00 -13.40
CA ASN B 137 -2.74 26.87 -12.51
C ASN B 137 -1.52 27.42 -13.22
N LEU B 138 -0.70 26.50 -13.71
CA LEU B 138 0.50 26.85 -14.46
C LEU B 138 0.14 27.74 -15.62
N VAL B 139 -0.75 27.27 -16.48
CA VAL B 139 -1.17 28.08 -17.61
C VAL B 139 -1.48 29.50 -17.16
N LEU B 140 -2.29 29.62 -16.12
CA LEU B 140 -2.73 30.91 -15.63
C LEU B 140 -1.54 31.71 -15.13
N GLN B 141 -0.65 31.04 -14.40
CA GLN B 141 0.51 31.71 -13.81
C GLN B 141 1.45 32.27 -14.87
N GLY B 142 1.27 31.83 -16.11
CA GLY B 142 2.14 32.25 -17.19
C GLY B 142 3.42 31.41 -17.25
N LYS B 143 3.36 30.19 -16.72
CA LYS B 143 4.50 29.29 -16.74
C LYS B 143 4.35 28.22 -17.82
N MSE B 144 3.24 28.25 -18.57
CA MSE B 144 3.03 27.30 -19.64
C MSE B 144 2.37 27.92 -20.86
O MSE B 144 1.42 28.69 -20.74
CB MSE B 144 2.19 26.12 -19.17
CG MSE B 144 2.99 25.06 -18.45
SE MSE B 144 2.32 23.26 -18.83
CE MSE B 144 2.57 23.30 -20.79
N GLN B 145 2.88 27.56 -22.03
CA GLN B 145 2.45 28.16 -23.29
C GLN B 145 1.93 27.11 -24.27
N GLY B 146 1.26 27.57 -25.32
CA GLY B 146 0.81 26.67 -26.36
C GLY B 146 -0.41 25.85 -26.00
N THR B 147 -1.08 26.22 -24.92
CA THR B 147 -2.32 25.56 -24.53
C THR B 147 -3.46 26.45 -24.95
N CYS B 148 -4.68 26.05 -24.58
CA CYS B 148 -5.85 26.88 -24.80
C CYS B 148 -5.73 28.05 -23.87
N ASN B 149 -6.37 29.16 -24.20
CA ASN B 149 -6.29 30.33 -23.35
C ASN B 149 -7.36 30.27 -22.24
N PHE B 150 -7.05 29.53 -21.18
CA PHE B 150 -7.99 29.36 -20.10
C PHE B 150 -8.51 30.70 -19.63
N SER B 151 -7.60 31.57 -19.25
CA SER B 151 -7.99 32.86 -18.69
C SER B 151 -9.00 33.60 -19.57
N LEU B 152 -8.66 33.70 -20.86
CA LEU B 152 -9.51 34.37 -21.84
C LEU B 152 -10.79 33.59 -22.14
N LEU B 153 -10.67 32.28 -22.30
CA LEU B 153 -11.84 31.48 -22.56
C LEU B 153 -12.83 31.60 -21.41
N GLU B 154 -12.31 31.45 -20.20
CA GLU B 154 -13.17 31.53 -19.01
C GLU B 154 -13.90 32.86 -18.96
N GLU B 155 -13.25 33.93 -19.42
CA GLU B 155 -13.86 35.24 -19.41
C GLU B 155 -15.00 35.35 -20.42
N LYS B 156 -14.75 34.90 -21.64
CA LYS B 156 -15.69 35.12 -22.73
C LYS B 156 -16.81 34.06 -22.88
N TYR B 157 -16.58 32.85 -22.39
CA TYR B 157 -17.44 31.74 -22.83
C TYR B 157 -18.94 31.88 -22.51
N ARG B 158 -19.27 32.40 -21.33
CA ARG B 158 -20.67 32.51 -20.96
C ARG B 158 -21.43 33.56 -21.78
N ASP B 159 -20.70 34.46 -22.42
CA ASP B 159 -21.32 35.46 -23.28
C ASP B 159 -21.66 34.83 -24.62
N PHE B 160 -21.83 33.52 -24.63
CA PHE B 160 -22.09 32.81 -25.87
C PHE B 160 -23.40 33.20 -26.51
N GLY B 161 -24.47 33.15 -25.72
CA GLY B 161 -25.80 33.41 -26.25
C GLY B 161 -26.11 34.85 -26.63
N LYS B 162 -25.09 35.66 -26.88
CA LYS B 162 -25.31 37.06 -27.23
C LYS B 162 -24.49 37.48 -28.45
N MSE C 1 -6.98 -16.03 17.06
CA MSE C 1 -8.18 -16.84 17.25
C MSE C 1 -7.82 -18.30 17.42
O MSE C 1 -6.69 -18.69 17.15
CB MSE C 1 -9.11 -16.63 16.07
CG MSE C 1 -9.32 -15.16 15.79
SE MSE C 1 -10.83 -14.85 14.63
CE MSE C 1 -12.11 -16.05 15.43
N LYS C 2 -8.75 -19.12 17.90
CA LYS C 2 -8.46 -20.51 18.25
C LYS C 2 -9.60 -21.49 18.05
N PHE C 3 -9.31 -22.76 18.22
CA PHE C 3 -10.31 -23.80 18.03
C PHE C 3 -11.01 -24.23 19.34
N TYR C 4 -12.35 -24.16 19.35
CA TYR C 4 -13.15 -24.57 20.50
C TYR C 4 -14.16 -25.66 20.19
N THR C 5 -14.60 -26.35 21.23
CA THR C 5 -15.83 -27.15 21.20
C THR C 5 -16.81 -26.55 22.20
N ILE C 6 -18.08 -26.93 22.10
CA ILE C 6 -19.08 -26.36 23.00
C ILE C 6 -19.88 -27.51 23.60
N SER C 7 -20.20 -27.40 24.88
CA SER C 7 -20.97 -28.43 25.57
C SER C 7 -22.28 -28.72 24.85
N SER C 8 -22.73 -29.96 24.90
CA SER C 8 -23.91 -30.38 24.16
C SER C 8 -25.14 -29.81 24.82
N LYS C 9 -25.11 -29.73 26.13
CA LYS C 9 -26.17 -29.12 26.91
C LYS C 9 -26.45 -27.72 26.38
N TYR C 10 -25.43 -26.88 26.41
CA TYR C 10 -25.55 -25.49 26.03
C TYR C 10 -26.00 -25.35 24.58
N ILE C 11 -25.70 -26.34 23.76
CA ILE C 11 -26.07 -26.28 22.35
C ILE C 11 -27.54 -26.66 22.20
N GLU C 12 -27.99 -27.58 23.04
CA GLU C 12 -29.40 -27.95 23.06
C GLU C 12 -30.19 -26.75 23.54
N TYR C 13 -29.67 -26.11 24.58
CA TYR C 13 -30.34 -24.96 25.17
C TYR C 13 -30.61 -23.85 24.15
N LEU C 14 -29.58 -23.41 23.44
CA LEU C 14 -29.81 -22.41 22.43
C LEU C 14 -30.78 -22.92 21.36
N LYS C 15 -30.77 -24.22 21.12
CA LYS C 15 -31.65 -24.83 20.13
C LYS C 15 -33.13 -24.76 20.52
N GLU C 16 -33.40 -24.54 21.80
CA GLU C 16 -34.77 -24.31 22.26
C GLU C 16 -35.29 -23.02 21.63
N PHE C 17 -34.37 -22.09 21.36
CA PHE C 17 -34.73 -20.75 20.90
C PHE C 17 -34.46 -20.52 19.43
N ASP C 18 -33.60 -21.33 18.84
CA ASP C 18 -33.25 -21.15 17.44
C ASP C 18 -32.68 -22.44 16.85
N ASP C 19 -33.52 -23.12 16.07
CA ASP C 19 -33.12 -24.37 15.42
C ASP C 19 -31.94 -24.14 14.48
N LYS C 20 -31.70 -22.89 14.11
CA LYS C 20 -30.60 -22.57 13.22
C LYS C 20 -29.27 -22.82 13.91
N VAL C 21 -29.26 -22.73 15.24
CA VAL C 21 -28.05 -23.01 16.01
C VAL C 21 -27.43 -24.33 15.56
N PRO C 22 -26.12 -24.32 15.27
CA PRO C 22 -25.43 -25.47 14.68
C PRO C 22 -25.52 -26.75 15.52
N ASN C 23 -25.73 -27.86 14.83
CA ASN C 23 -25.70 -29.18 15.45
C ASN C 23 -24.36 -29.45 16.11
N SER C 24 -24.40 -29.95 17.34
CA SER C 24 -23.19 -30.25 18.09
C SER C 24 -22.75 -31.69 17.87
N GLU C 25 -23.69 -32.61 17.86
CA GLU C 25 -23.33 -34.01 17.73
C GLU C 25 -24.09 -34.73 16.63
N ASP C 26 -23.35 -35.57 15.92
CA ASP C 26 -23.88 -36.34 14.79
C ASP C 26 -23.11 -37.66 14.67
N PRO C 27 -23.84 -38.77 14.51
CA PRO C 27 -23.29 -40.12 14.27
C PRO C 27 -22.20 -40.16 13.20
N THR C 28 -22.31 -39.30 12.19
CA THR C 28 -21.37 -39.30 11.08
C THR C 28 -20.17 -38.35 11.31
N TYR C 29 -20.10 -37.76 12.49
CA TYR C 29 -19.02 -36.85 12.84
C TYR C 29 -17.79 -37.60 13.37
N GLN C 30 -16.74 -37.65 12.58
CA GLN C 30 -15.48 -38.23 13.05
C GLN C 30 -15.02 -37.51 14.31
N ASN C 31 -14.45 -36.32 14.15
CA ASN C 31 -14.10 -35.52 15.31
C ASN C 31 -15.31 -34.72 15.74
N PRO C 32 -15.22 -34.07 16.91
CA PRO C 32 -16.30 -33.19 17.39
C PRO C 32 -16.42 -31.95 16.53
N LYS C 33 -17.59 -31.31 16.49
CA LYS C 33 -17.76 -30.07 15.75
C LYS C 33 -16.92 -28.97 16.39
N ALA C 34 -16.15 -28.26 15.58
CA ALA C 34 -15.24 -27.24 16.13
C ALA C 34 -15.66 -25.82 15.78
N PHE C 35 -15.32 -24.88 16.66
CA PHE C 35 -15.71 -23.50 16.46
C PHE C 35 -14.50 -22.58 16.49
N ILE C 36 -14.57 -21.47 15.76
CA ILE C 36 -13.47 -20.52 15.74
C ILE C 36 -13.59 -19.41 16.83
N GLY C 37 -12.43 -19.01 17.38
CA GLY C 37 -12.33 -18.39 18.70
C GLY C 37 -12.44 -16.89 18.91
N ILE C 38 -13.67 -16.44 19.14
CA ILE C 38 -14.07 -15.02 19.25
C ILE C 38 -13.91 -14.29 17.92
N VAL C 39 -14.78 -14.64 17.00
CA VAL C 39 -14.89 -13.97 15.72
C VAL C 39 -15.38 -12.55 15.93
N LEU C 40 -16.09 -12.34 17.03
CA LEU C 40 -16.73 -11.06 17.29
C LEU C 40 -16.90 -10.84 18.78
N GLU C 41 -16.45 -9.70 19.27
CA GLU C 41 -16.68 -9.32 20.65
C GLU C 41 -17.29 -7.93 20.69
N ILE C 42 -18.52 -7.85 21.19
CA ILE C 42 -19.29 -6.60 21.14
C ILE C 42 -20.39 -6.60 22.21
N GLN C 43 -20.65 -5.43 22.78
CA GLN C 43 -21.54 -5.31 23.92
C GLN C 43 -21.36 -6.49 24.87
N GLY C 44 -20.11 -6.87 25.13
CA GLY C 44 -19.81 -7.93 26.08
C GLY C 44 -20.29 -9.29 25.62
N HIS C 45 -20.47 -9.43 24.33
CA HIS C 45 -20.84 -10.72 23.76
C HIS C 45 -19.64 -11.34 23.08
N LYS C 46 -19.37 -12.61 23.41
CA LYS C 46 -18.31 -13.33 22.74
C LYS C 46 -18.91 -14.35 21.79
N TYR C 47 -18.63 -14.18 20.51
CA TYR C 47 -19.14 -15.09 19.48
C TYR C 47 -18.11 -16.12 19.04
N LEU C 48 -18.58 -17.34 18.81
CA LEU C 48 -17.80 -18.40 18.19
C LEU C 48 -18.53 -18.82 16.94
N ALA C 49 -17.81 -19.07 15.85
CA ALA C 49 -18.44 -19.48 14.62
C ALA C 49 -18.16 -20.95 14.34
N PRO C 50 -19.13 -21.65 13.74
CA PRO C 50 -18.93 -23.06 13.35
C PRO C 50 -18.01 -23.24 12.15
N LEU C 51 -17.11 -24.22 12.22
CA LEU C 51 -16.37 -24.68 11.06
C LEU C 51 -17.18 -25.72 10.28
N THR C 52 -16.95 -25.80 8.98
CA THR C 52 -17.66 -26.78 8.17
C THR C 52 -16.92 -27.16 6.90
N SER C 53 -16.83 -28.47 6.69
CA SER C 53 -16.08 -29.05 5.59
C SER C 53 -16.84 -28.85 4.30
N PRO C 54 -16.11 -28.90 3.18
CA PRO C 54 -16.62 -28.56 1.85
C PRO C 54 -17.91 -29.26 1.45
N LYS C 55 -18.85 -28.44 0.95
CA LYS C 55 -20.05 -28.91 0.31
C LYS C 55 -20.04 -28.41 -1.13
N LYS C 56 -20.98 -28.93 -1.92
CA LYS C 56 -21.06 -28.56 -3.32
C LYS C 56 -21.33 -27.07 -3.50
N TRP C 57 -22.25 -26.53 -2.70
CA TRP C 57 -22.70 -25.16 -2.89
C TRP C 57 -21.71 -24.08 -2.45
N HIS C 58 -20.56 -24.49 -1.91
CA HIS C 58 -19.56 -23.53 -1.46
C HIS C 58 -18.91 -22.85 -2.66
N ASN C 59 -19.11 -23.44 -3.84
CA ASN C 59 -18.56 -22.87 -5.07
C ASN C 59 -19.28 -21.60 -5.47
N ASN C 60 -20.56 -21.49 -5.11
CA ASN C 60 -21.38 -20.34 -5.46
C ASN C 60 -21.20 -19.17 -4.49
N VAL C 61 -20.77 -19.49 -3.27
CA VAL C 61 -20.53 -18.48 -2.25
C VAL C 61 -19.33 -17.62 -2.61
N LYS C 62 -19.57 -16.37 -3.00
CA LYS C 62 -18.48 -15.46 -3.36
C LYS C 62 -17.81 -14.85 -2.13
N GLU C 63 -16.56 -14.44 -2.30
CA GLU C 63 -15.75 -13.96 -1.19
C GLU C 63 -16.42 -12.80 -0.45
N SER C 64 -17.09 -11.90 -1.18
CA SER C 64 -17.70 -10.73 -0.55
C SER C 64 -18.80 -11.09 0.45
N SER C 65 -19.37 -12.28 0.29
CA SER C 65 -20.51 -12.70 1.09
C SER C 65 -20.26 -12.66 2.59
N LEU C 66 -21.27 -12.19 3.32
CA LEU C 66 -21.20 -12.10 4.77
C LEU C 66 -21.53 -13.44 5.43
N SER C 67 -22.16 -14.34 4.68
CA SER C 67 -22.56 -15.63 5.23
C SER C 67 -21.39 -16.44 5.77
N CYS C 68 -20.33 -16.52 4.98
CA CYS C 68 -19.23 -17.43 5.26
C CYS C 68 -17.90 -16.75 5.05
N PHE C 69 -16.91 -17.22 5.78
CA PHE C 69 -15.54 -16.90 5.44
C PHE C 69 -14.88 -18.16 4.91
N LYS C 70 -14.59 -18.16 3.61
CA LYS C 70 -14.01 -19.32 2.96
C LYS C 70 -12.54 -19.54 3.38
N LEU C 71 -12.23 -20.75 3.83
CA LEU C 71 -10.86 -21.09 4.19
C LEU C 71 -10.15 -21.73 3.01
N HIS C 72 -8.83 -21.63 3.02
CA HIS C 72 -8.00 -22.45 2.14
C HIS C 72 -6.54 -22.19 2.49
N GLU C 73 -5.66 -23.11 2.11
CA GLU C 73 -4.27 -23.02 2.51
C GLU C 73 -3.65 -21.70 2.08
N ASN C 74 -2.75 -21.15 2.91
CA ASN C 74 -2.11 -19.87 2.59
C ASN C 74 -1.37 -19.85 1.27
N GLY C 75 -1.86 -19.05 0.34
CA GLY C 75 -1.24 -18.90 -0.96
C GLY C 75 -1.54 -20.04 -1.91
N VAL C 76 -2.28 -21.05 -1.43
CA VAL C 76 -2.63 -22.21 -2.24
C VAL C 76 -4.15 -22.33 -2.35
N PRO C 77 -4.75 -21.48 -3.19
CA PRO C 77 -6.20 -21.34 -3.32
C PRO C 77 -6.91 -22.62 -3.72
N GLU C 78 -6.28 -23.43 -4.55
CA GLU C 78 -6.91 -24.66 -5.02
C GLU C 78 -7.08 -25.66 -3.89
N ASN C 79 -6.44 -25.39 -2.75
CA ASN C 79 -6.54 -26.25 -1.57
C ASN C 79 -7.67 -25.78 -0.64
N GLN C 80 -8.91 -25.91 -1.09
CA GLN C 80 -10.05 -25.46 -0.31
C GLN C 80 -10.06 -26.16 1.04
N LEU C 81 -10.35 -25.41 2.09
CA LEU C 81 -10.25 -25.94 3.45
C LEU C 81 -11.56 -25.81 4.23
N GLY C 82 -12.69 -25.88 3.51
CA GLY C 82 -13.98 -25.63 4.11
C GLY C 82 -14.16 -24.15 4.39
N LEU C 83 -15.18 -23.81 5.17
CA LEU C 83 -15.42 -22.41 5.51
C LEU C 83 -15.91 -22.20 6.95
N ILE C 84 -15.79 -20.97 7.41
CA ILE C 84 -16.37 -20.55 8.67
C ILE C 84 -17.82 -20.11 8.41
N ASN C 85 -18.77 -20.71 9.11
CA ASN C 85 -20.15 -20.34 8.91
C ASN C 85 -20.58 -19.25 9.87
N LEU C 86 -20.31 -18.01 9.50
CA LEU C 86 -20.71 -16.88 10.33
C LEU C 86 -22.21 -16.77 10.46
N LYS C 87 -22.93 -17.10 9.39
CA LYS C 87 -24.38 -16.98 9.45
C LYS C 87 -24.93 -17.75 10.64
N PHE C 88 -24.13 -18.66 11.19
CA PHE C 88 -24.57 -19.44 12.35
C PHE C 88 -23.73 -19.24 13.61
N MSE C 89 -22.89 -18.22 13.65
CA MSE C 89 -22.12 -17.97 14.86
C MSE C 89 -23.10 -17.77 15.99
O MSE C 89 -24.23 -17.35 15.77
CB MSE C 89 -21.27 -16.73 14.71
CG MSE C 89 -22.01 -15.61 14.05
SE MSE C 89 -21.18 -13.87 14.22
CE MSE C 89 -19.33 -14.39 13.79
N ILE C 90 -22.67 -18.09 17.20
CA ILE C 90 -23.52 -18.00 18.38
C ILE C 90 -22.75 -17.36 19.52
N PRO C 91 -23.47 -16.74 20.47
CA PRO C 91 -22.76 -16.17 21.62
C PRO C 91 -22.50 -17.27 22.62
N ILE C 92 -21.42 -17.19 23.37
CA ILE C 92 -21.04 -18.29 24.23
C ILE C 92 -20.78 -17.85 25.64
N ILE C 93 -20.69 -18.84 26.52
CA ILE C 93 -20.41 -18.65 27.93
C ILE C 93 -19.08 -19.33 28.21
N GLU C 94 -18.08 -18.57 28.62
CA GLU C 94 -16.75 -19.12 28.79
C GLU C 94 -16.77 -20.52 29.42
N ALA C 95 -17.75 -20.75 30.28
CA ALA C 95 -17.80 -21.99 31.07
C ALA C 95 -18.35 -23.22 30.33
N GLU C 96 -18.96 -23.01 29.16
CA GLU C 96 -19.51 -24.11 28.37
C GLU C 96 -18.73 -24.24 27.08
N VAL C 97 -17.66 -23.46 26.99
CA VAL C 97 -16.80 -23.45 25.82
C VAL C 97 -15.44 -24.01 26.21
N SER C 98 -14.85 -24.80 25.32
CA SER C 98 -13.60 -25.45 25.65
C SER C 98 -12.62 -25.43 24.47
N LEU C 99 -11.37 -25.08 24.77
CA LEU C 99 -10.30 -25.04 23.76
C LEU C 99 -9.82 -26.43 23.38
N LEU C 100 -9.62 -26.65 22.09
CA LEU C 100 -9.11 -27.93 21.61
C LEU C 100 -7.71 -28.15 22.12
N ASP C 101 -7.43 -29.35 22.63
CA ASP C 101 -6.09 -29.71 23.12
C ASP C 101 -5.11 -30.00 21.98
N LEU C 102 -4.81 -28.97 21.21
CA LEU C 102 -3.90 -29.10 20.08
C LEU C 102 -2.53 -29.59 20.53
N GLY C 103 -2.13 -29.21 21.74
CA GLY C 103 -0.80 -29.52 22.20
C GLY C 103 -0.68 -31.00 22.49
N ASN C 104 -1.83 -31.68 22.51
CA ASN C 104 -1.86 -33.09 22.87
C ASN C 104 -2.51 -33.96 21.80
N MSE C 105 -2.84 -33.36 20.67
CA MSE C 105 -3.41 -34.14 19.59
C MSE C 105 -2.34 -34.95 18.91
O MSE C 105 -1.28 -34.41 18.57
CB MSE C 105 -4.06 -33.25 18.56
CG MSE C 105 -5.44 -32.76 18.95
SE MSE C 105 -6.43 -32.38 17.30
CE MSE C 105 -6.19 -34.09 16.45
N PRO C 106 -2.61 -36.23 18.70
CA PRO C 106 -1.67 -37.11 17.98
C PRO C 106 -1.51 -36.61 16.53
N ASN C 107 -0.30 -36.59 16.00
CA ASN C 107 -0.12 -36.11 14.65
C ASN C 107 -0.89 -36.93 13.62
N THR C 108 -1.99 -36.36 13.16
CA THR C 108 -2.85 -37.02 12.20
C THR C 108 -3.20 -36.05 11.08
N PRO C 109 -3.69 -36.57 9.95
CA PRO C 109 -4.13 -35.71 8.86
C PRO C 109 -5.03 -34.57 9.33
N TYR C 110 -5.90 -34.84 10.29
CA TYR C 110 -6.80 -33.83 10.82
C TYR C 110 -6.05 -32.73 11.50
N LYS C 111 -5.30 -33.08 12.55
CA LYS C 111 -4.59 -32.05 13.31
C LYS C 111 -3.74 -31.27 12.34
N ARG C 112 -3.28 -31.97 11.32
CA ARG C 112 -2.48 -31.33 10.30
C ARG C 112 -3.29 -30.25 9.58
N MSE C 113 -4.50 -30.59 9.17
CA MSE C 113 -5.32 -29.63 8.46
C MSE C 113 -5.68 -28.45 9.35
O MSE C 113 -5.78 -27.32 8.89
CB MSE C 113 -6.56 -30.28 7.90
CG MSE C 113 -7.75 -29.36 7.91
SE MSE C 113 -9.33 -30.16 7.09
CE MSE C 113 -8.92 -29.70 5.25
N LEU C 114 -5.89 -28.73 10.62
CA LEU C 114 -6.26 -27.68 11.58
C LEU C 114 -5.21 -26.55 11.59
N TYR C 115 -3.94 -26.90 11.45
CA TYR C 115 -2.88 -25.90 11.48
C TYR C 115 -2.83 -25.15 10.18
N LYS C 116 -3.09 -25.85 9.07
CA LYS C 116 -3.17 -25.15 7.80
C LYS C 116 -4.25 -24.10 7.98
N GLN C 117 -5.40 -24.52 8.45
CA GLN C 117 -6.54 -23.64 8.64
C GLN C 117 -6.20 -22.51 9.60
N LEU C 118 -5.64 -22.88 10.76
CA LEU C 118 -5.35 -21.91 11.82
C LEU C 118 -4.56 -20.75 11.27
N GLN C 119 -3.45 -21.03 10.60
CA GLN C 119 -2.61 -19.99 10.06
C GLN C 119 -3.33 -19.06 9.10
N PHE C 120 -4.13 -19.60 8.22
CA PHE C 120 -4.88 -18.79 7.27
C PHE C 120 -5.85 -17.89 8.03
N ILE C 121 -6.45 -18.46 9.06
CA ILE C 121 -7.34 -17.71 9.93
C ILE C 121 -6.57 -16.66 10.70
N ARG C 122 -5.40 -17.01 11.20
CA ARG C 122 -4.60 -16.05 11.95
C ARG C 122 -4.25 -14.85 11.06
N ALA C 123 -3.92 -15.10 9.80
CA ALA C 123 -3.51 -14.02 8.91
C ALA C 123 -4.70 -13.26 8.35
N ASN C 124 -5.90 -13.69 8.69
CA ASN C 124 -7.09 -12.98 8.24
C ASN C 124 -8.03 -12.58 9.38
N SER C 125 -7.53 -12.63 10.61
CA SER C 125 -8.35 -12.31 11.77
C SER C 125 -9.31 -11.16 11.46
N ASP C 126 -8.73 -10.08 10.93
CA ASP C 126 -9.47 -8.84 10.74
C ASP C 126 -10.64 -9.00 9.81
N LYS C 127 -10.38 -9.44 8.59
CA LYS C 127 -11.45 -9.70 7.64
C LYS C 127 -12.54 -10.46 8.36
N ILE C 128 -12.15 -11.46 9.16
CA ILE C 128 -13.15 -12.29 9.83
C ILE C 128 -13.97 -11.46 10.81
N ALA C 129 -13.29 -10.80 11.76
CA ALA C 129 -13.96 -9.95 12.74
C ALA C 129 -14.81 -8.89 12.06
N SER C 130 -14.25 -8.30 11.01
CA SER C 130 -14.92 -7.28 10.23
C SER C 130 -16.22 -7.83 9.61
N LYS C 131 -16.16 -9.04 9.05
CA LYS C 131 -17.32 -9.66 8.42
C LYS C 131 -18.39 -9.97 9.45
N SER C 132 -17.96 -10.50 10.58
CA SER C 132 -18.86 -10.90 11.65
C SER C 132 -19.59 -9.68 12.15
N ASP C 133 -18.83 -8.62 12.41
CA ASP C 133 -19.41 -7.36 12.86
C ASP C 133 -20.56 -6.92 11.95
N THR C 134 -20.23 -6.70 10.68
CA THR C 134 -21.21 -6.32 9.69
C THR C 134 -22.41 -7.29 9.56
N LEU C 135 -22.12 -8.59 9.56
CA LEU C 135 -23.18 -9.58 9.45
C LEU C 135 -24.22 -9.36 10.53
N ARG C 136 -23.76 -9.18 11.77
CA ARG C 136 -24.64 -8.95 12.90
C ARG C 136 -25.45 -7.67 12.73
N ASN C 137 -24.77 -6.56 12.48
CA ASN C 137 -25.45 -5.28 12.28
C ASN C 137 -26.62 -5.46 11.34
N LEU C 138 -26.31 -6.00 10.17
CA LEU C 138 -27.31 -6.24 9.15
C LEU C 138 -28.42 -7.12 9.70
N VAL C 139 -28.03 -8.29 10.20
CA VAL C 139 -29.00 -9.21 10.77
C VAL C 139 -29.92 -8.50 11.75
N LEU C 140 -29.33 -7.72 12.65
CA LEU C 140 -30.10 -6.97 13.64
C LEU C 140 -31.00 -5.96 12.98
N GLN C 141 -30.47 -5.25 11.99
CA GLN C 141 -31.22 -4.22 11.30
C GLN C 141 -32.43 -4.78 10.57
N GLY C 142 -32.44 -6.08 10.37
CA GLY C 142 -33.52 -6.74 9.67
C GLY C 142 -33.31 -6.71 8.17
N LYS C 143 -32.05 -6.60 7.76
CA LYS C 143 -31.72 -6.55 6.33
C LYS C 143 -31.17 -7.89 5.86
N MSE C 144 -31.07 -8.85 6.77
CA MSE C 144 -30.57 -10.18 6.43
C MSE C 144 -31.33 -11.28 7.15
O MSE C 144 -31.60 -11.21 8.35
CB MSE C 144 -29.09 -10.30 6.74
CG MSE C 144 -28.19 -9.78 5.65
SE MSE C 144 -26.59 -10.90 5.41
CE MSE C 144 -27.47 -12.58 4.97
N GLN C 145 -31.66 -12.34 6.39
CA GLN C 145 -32.49 -13.43 6.90
C GLN C 145 -31.77 -14.76 6.78
N GLY C 146 -32.31 -15.78 7.43
CA GLY C 146 -31.79 -17.13 7.31
C GLY C 146 -30.52 -17.37 8.10
N THR C 147 -30.18 -16.42 8.98
CA THR C 147 -29.03 -16.58 9.86
C THR C 147 -29.52 -17.05 11.22
N CYS C 148 -28.59 -17.15 12.15
CA CYS C 148 -28.95 -17.40 13.53
C CYS C 148 -29.63 -16.18 14.05
N ASN C 149 -30.46 -16.36 15.07
CA ASN C 149 -31.17 -15.22 15.63
C ASN C 149 -30.32 -14.50 16.68
N PHE C 150 -29.42 -13.65 16.22
CA PHE C 150 -28.51 -12.94 17.11
C PHE C 150 -29.26 -12.26 18.23
N SER C 151 -30.22 -11.41 17.85
CA SER C 151 -30.97 -10.62 18.81
C SER C 151 -31.59 -11.50 19.91
N LEU C 152 -32.27 -12.56 19.48
CA LEU C 152 -32.92 -13.48 20.40
C LEU C 152 -31.90 -14.31 21.17
N LEU C 153 -30.89 -14.82 20.49
CA LEU C 153 -29.86 -15.61 21.15
C LEU C 153 -29.15 -14.78 22.22
N GLU C 154 -28.78 -13.55 21.86
CA GLU C 154 -28.10 -12.68 22.80
C GLU C 154 -28.94 -12.44 24.04
N GLU C 155 -30.26 -12.35 23.86
CA GLU C 155 -31.17 -12.15 24.98
C GLU C 155 -31.22 -13.36 25.92
N LYS C 156 -31.37 -14.54 25.36
CA LYS C 156 -31.64 -15.74 26.15
C LYS C 156 -30.41 -16.47 26.67
N TYR C 157 -29.27 -16.34 26.00
CA TYR C 157 -28.19 -17.28 26.22
C TYR C 157 -27.63 -17.35 27.65
N ARG C 158 -27.52 -16.21 28.33
CA ARG C 158 -26.97 -16.20 29.68
C ARG C 158 -27.90 -16.86 30.71
N ASP C 159 -29.17 -16.97 30.37
CA ASP C 159 -30.12 -17.66 31.24
C ASP C 159 -29.96 -19.17 31.11
N PHE C 160 -28.78 -19.62 30.69
CA PHE C 160 -28.54 -21.03 30.47
C PHE C 160 -28.64 -21.84 31.74
N GLY C 161 -27.92 -21.41 32.77
CA GLY C 161 -27.85 -22.16 34.00
C GLY C 161 -29.12 -22.19 34.86
N LYS C 162 -30.27 -21.93 34.27
CA LYS C 162 -31.51 -21.90 35.01
C LYS C 162 -32.64 -22.67 34.30
PC A23 D 36 -8.64 13.33 -33.49
O1C A23 D 36 -7.32 12.70 -33.98
O2C A23 D 36 -8.37 14.68 -32.66
P A23 D 36 -13.09 9.24 -35.59
OP1 A23 D 36 -14.19 8.90 -34.38
OP2 A23 D 36 -13.87 8.38 -37.05
O5' A23 D 36 -12.75 10.71 -35.94
C5' A23 D 36 -11.94 11.17 -34.94
C4' A23 D 36 -11.82 12.54 -34.58
O4' A23 D 36 -12.23 12.57 -33.21
C3' A23 D 36 -10.38 12.50 -34.50
O3' A23 D 36 -9.50 13.60 -34.55
C2' A23 D 36 -10.14 11.64 -33.29
O2' A23 D 36 -9.38 12.37 -32.54
C1' A23 D 36 -11.57 11.38 -32.79
N9 A23 D 36 -12.20 10.93 -31.55
C8 A23 D 36 -13.44 10.37 -31.15
N7 A23 D 36 -13.36 9.42 -30.11
C5 A23 D 36 -12.08 9.64 -30.04
C6 A23 D 36 -11.82 8.61 -29.21
N6 A23 D 36 -12.66 7.90 -28.32
N1 A23 D 36 -10.44 8.71 -29.23
C2 A23 D 36 -9.75 9.54 -30.14
N3 A23 D 36 -10.31 10.43 -31.08
C4 A23 D 36 -11.50 9.96 -31.06
PC A23 E 36 -19.28 -30.74 9.07
O1C A23 E 36 -19.70 -30.88 7.65
O2C A23 E 36 -20.13 -29.62 9.76
P A23 E 36 -15.37 -34.05 10.45
OP1 A23 E 36 -14.42 -34.67 11.66
OP2 A23 E 36 -16.15 -35.32 9.51
O5' A23 E 36 -16.61 -33.63 11.33
C5' A23 E 36 -16.61 -32.43 11.99
C4' A23 E 36 -17.87 -31.82 11.89
O4' A23 E 36 -17.55 -30.45 12.06
C3' A23 E 36 -18.16 -31.97 10.50
O3' A23 E 36 -19.36 -31.84 9.82
C2' A23 E 36 -17.21 -31.08 9.90
O2' A23 E 36 -17.88 -30.34 9.13
C1' A23 E 36 -16.75 -30.13 10.94
N9 A23 E 36 -15.36 -30.01 11.26
C8 A23 E 36 -14.41 -30.08 12.29
N7 A23 E 36 -13.21 -29.43 11.99
C5 A23 E 36 -13.66 -29.16 10.82
C6 A23 E 36 -12.69 -28.31 10.61
N6 A23 E 36 -11.41 -28.19 11.14
N1 A23 E 36 -13.21 -27.87 9.43
C2 A23 E 36 -14.50 -28.10 8.96
N3 A23 E 36 -15.41 -28.92 9.58
C4 A23 E 36 -14.82 -28.99 10.69
PC A23 F 36 36.94 -2.13 5.76
O1C A23 F 36 35.94 -2.57 6.87
O2C A23 F 36 37.70 -3.34 5.57
P A23 F 36 39.13 0.51 0.73
OP1 A23 F 36 39.50 1.67 -0.16
OP2 A23 F 36 40.39 -0.24 1.12
O5' A23 F 36 38.74 1.08 2.08
C5' A23 F 36 39.36 0.61 3.20
C4' A23 F 36 38.63 0.57 4.46
O4' A23 F 36 37.44 1.34 4.39
C3' A23 F 36 38.19 -0.66 4.75
O3' A23 F 36 37.67 -1.05 6.03
C2' A23 F 36 36.98 -0.87 3.93
O2' A23 F 36 36.27 -1.77 4.50
C1' A23 F 36 36.37 0.45 4.20
N9 A23 F 36 35.60 1.26 3.29
C8 A23 F 36 35.70 2.39 2.52
N7 A23 F 36 34.64 2.51 1.65
C5 A23 F 36 34.10 1.55 2.26
C6 A23 F 36 33.23 1.48 1.30
N6 A23 F 36 32.69 2.43 0.44
N1 A23 F 36 32.65 0.33 1.72
C2 A23 F 36 33.21 -0.52 2.66
N3 A23 F 36 34.37 -0.25 3.37
C4 A23 F 36 34.75 0.65 2.60
ZN ZN G . 17.57 -5.79 -0.95
ZN ZN H . 37.64 -5.62 24.50
ZN ZN I . -0.11 2.89 -17.75
ZN ZN J . -8.43 -16.42 -0.93
ZN ZN K . -23.46 -10.95 -2.94
ZN ZN L . 12.78 -14.55 15.46
ZN ZN M . 17.25 -11.71 15.00
ZN ZN N . 10.72 -21.25 9.49
ZN ZN O . 8.66 17.05 -17.64
ZN ZN P . 17.54 11.28 -17.48
ZN ZN Q . -0.97 18.42 -30.36
ZN ZN R . 12.09 16.60 -14.90
#